data_1ORP
#
_entry.id   1ORP
#
_cell.length_a   67.732
_cell.length_b   106.516
_cell.length_c   41.661
_cell.angle_alpha   90.00
_cell.angle_beta   90.00
_cell.angle_gamma   90.00
#
_symmetry.space_group_name_H-M   'P 21 21 2'
#
loop_
_entity.id
_entity.type
_entity.pdbx_description
1 polymer "5'-D(*AP*AP*GP*AP*CP*AP*TP*GP*GP*AP*C)-3'"
2 polymer "5'-D(*GP*TP*CP*CP*AP*(PED)P*GP*TP*CP*T)-3'"
3 polymer 'Endonuclease III'
4 non-polymer 'SODIUM ION'
5 non-polymer 'IRON/SULFUR CLUSTER'
6 water water
#
loop_
_entity_poly.entity_id
_entity_poly.type
_entity_poly.pdbx_seq_one_letter_code
_entity_poly.pdbx_strand_id
1 'polydeoxyribonucleotide' (DA)(DA)(DG)(DA)(DC)(DA)(DT)(DG)(DG)(DA)(DC) B
2 'polydeoxyribonucleotide' (DT)(DG)(DT)(DC)(DC)(DA)(PED)(DG)(DT)(DC)(DT) C
3 'polypeptide(L)'
;GSHMLTKQQIRYCLDEMAKMFPDAHCELVHRNPFELLIAVVLSAQCTDALVNKVTKRLFEKYRTPHDYIAVPLEELEQDI
RSIGLYRNKARNIQKLCAMLIDKYNGEVPRDRDELMKLPGVGRKTANVVVSVAFGVPAIAVDTHVERVSKRLGFCRWDDS
VLEVEKTLMKIIPKEEWSITHHRMIFFGRYHCKAQSPQCPSCPLLHLCREGKKRMRKREEKAANQK
;
A
#
loop_
_chem_comp.id
_chem_comp.type
_chem_comp.name
_chem_comp.formula
DA DNA linking 2'-DEOXYADENOSINE-5'-MONOPHOSPHATE 'C10 H14 N5 O6 P'
DC DNA linking 2'-DEOXYCYTIDINE-5'-MONOPHOSPHATE 'C9 H14 N3 O7 P'
DG DNA linking 2'-DEOXYGUANOSINE-5'-MONOPHOSPHATE 'C10 H14 N5 O7 P'
DT DNA linking THYMIDINE-5'-MONOPHOSPHATE 'C10 H15 N2 O8 P'
NA non-polymer 'SODIUM ION' 'Na 1'
PED non-polymer PENTANE-3,4-DIOL-5-PHOSPHATE 'C5 H13 O6 P'
SF4 non-polymer 'IRON/SULFUR CLUSTER' 'Fe4 S4'
#
# COMPACT_ATOMS: atom_id res chain seq x y z
P PED B 7 -0.06 2.86 -8.12
O1P PED B 7 -1.41 3.45 -7.99
O2P PED B 7 1.08 3.72 -8.51
O5' PED B 7 0.36 2.21 -6.72
C2' PED B 7 -0.81 -0.74 -3.68
C5' PED B 7 -0.38 1.14 -6.12
C4' PED B 7 0.57 0.22 -5.38
O4' PED B 7 1.07 0.87 -4.19
C3' PED B 7 -0.01 -1.12 -4.91
C1' PED B 7 -1.40 -2.07 -3.22
O3' PED B 7 1.07 -1.99 -4.58
N MET C 4 24.99 -0.88 0.91
CA MET C 4 23.91 -0.25 1.73
C MET C 4 24.42 1.05 2.36
N LEU C 5 23.54 2.02 2.49
CA LEU C 5 23.90 3.31 3.08
C LEU C 5 24.03 3.17 4.60
N THR C 6 24.56 4.20 5.23
CA THR C 6 24.68 4.20 6.68
C THR C 6 23.34 4.66 7.21
N LYS C 7 23.09 4.42 8.50
CA LYS C 7 21.82 4.79 9.11
C LYS C 7 21.56 6.28 8.97
N GLN C 8 22.59 7.09 9.22
CA GLN C 8 22.44 8.53 9.12
C GLN C 8 22.06 8.93 7.71
N GLN C 9 22.64 8.25 6.73
CA GLN C 9 22.34 8.52 5.34
C GLN C 9 20.87 8.20 5.07
N ILE C 10 20.43 7.01 5.47
CA ILE C 10 19.04 6.60 5.27
C ILE C 10 18.12 7.71 5.82
N ARG C 11 18.29 8.05 7.09
CA ARG C 11 17.47 9.10 7.69
C ARG C 11 17.58 10.38 6.88
N TYR C 12 18.73 10.58 6.25
CA TYR C 12 18.96 11.76 5.43
C TYR C 12 18.07 11.69 4.19
N CYS C 13 18.01 10.49 3.60
CA CYS C 13 17.19 10.27 2.42
C CYS C 13 15.71 10.46 2.74
N LEU C 14 15.29 9.93 3.88
CA LEU C 14 13.90 10.05 4.29
C LEU C 14 13.54 11.49 4.61
N ASP C 15 14.41 12.18 5.33
CA ASP C 15 14.18 13.58 5.67
C ASP C 15 14.02 14.42 4.41
N GLU C 16 14.68 13.99 3.34
CA GLU C 16 14.61 14.71 2.07
C GLU C 16 13.26 14.44 1.44
N MET C 17 12.90 13.17 1.32
CA MET C 17 11.62 12.79 0.74
C MET C 17 10.51 13.55 1.44
N ALA C 18 10.67 13.76 2.74
CA ALA C 18 9.70 14.48 3.54
C ALA C 18 9.49 15.89 3.01
N LYS C 19 10.58 16.53 2.58
CA LYS C 19 10.54 17.89 2.05
C LYS C 19 10.01 17.92 0.63
N MET C 20 10.21 16.84 -0.12
CA MET C 20 9.73 16.76 -1.50
C MET C 20 8.23 16.51 -1.58
N PHE C 21 7.71 15.74 -0.62
CA PHE C 21 6.29 15.39 -0.58
C PHE C 21 5.76 15.54 0.83
N PRO C 22 5.59 16.77 1.30
CA PRO C 22 5.09 17.02 2.65
C PRO C 22 3.60 16.74 2.82
N ASP C 23 2.89 16.55 1.71
CA ASP C 23 1.47 16.28 1.80
C ASP C 23 1.13 14.85 1.39
N ALA C 24 2.15 13.98 1.35
CA ALA C 24 1.95 12.58 0.96
C ALA C 24 0.91 11.92 1.86
N HIS C 25 -0.06 11.25 1.24
CA HIS C 25 -1.13 10.59 1.98
C HIS C 25 -1.63 9.39 1.19
N CYS C 26 -2.61 8.68 1.75
CA CYS C 26 -3.20 7.53 1.06
C CYS C 26 -4.13 8.15 0.01
N GLU C 27 -3.98 7.75 -1.25
CA GLU C 27 -4.81 8.31 -2.31
C GLU C 27 -6.02 7.46 -2.68
N LEU C 28 -6.35 6.49 -1.83
CA LEU C 28 -7.52 5.67 -2.12
C LEU C 28 -8.73 6.31 -1.45
N VAL C 29 -9.74 6.62 -2.25
CA VAL C 29 -10.95 7.26 -1.74
C VAL C 29 -11.78 6.28 -0.92
N HIS C 30 -12.03 6.61 0.34
CA HIS C 30 -12.81 5.73 1.21
C HIS C 30 -13.43 6.55 2.30
N ARG C 31 -14.62 6.17 2.77
CA ARG C 31 -15.29 6.92 3.83
C ARG C 31 -15.22 6.23 5.21
N ASN C 32 -14.79 4.97 5.24
CA ASN C 32 -14.67 4.22 6.49
C ASN C 32 -13.71 3.00 6.32
N PRO C 33 -13.27 2.39 7.44
CA PRO C 33 -12.35 1.25 7.43
C PRO C 33 -12.71 0.15 6.45
N PHE C 34 -14.01 -0.14 6.39
CA PHE C 34 -14.54 -1.18 5.52
C PHE C 34 -14.34 -0.83 4.05
N GLU C 35 -14.65 0.42 3.70
CA GLU C 35 -14.47 0.87 2.34
C GLU C 35 -12.97 0.85 2.04
N LEU C 36 -12.16 1.16 3.04
CA LEU C 36 -10.71 1.16 2.83
C LEU C 36 -10.25 -0.29 2.56
N LEU C 37 -10.68 -1.22 3.40
CA LEU C 37 -10.29 -2.62 3.24
C LEU C 37 -10.56 -3.09 1.83
N ILE C 38 -11.80 -2.94 1.36
CA ILE C 38 -12.16 -3.37 0.00
C ILE C 38 -11.31 -2.64 -1.05
N ALA C 39 -11.15 -1.34 -0.86
CA ALA C 39 -10.36 -0.50 -1.78
C ALA C 39 -8.91 -0.97 -1.94
N VAL C 40 -8.26 -1.30 -0.82
CA VAL C 40 -6.87 -1.76 -0.84
C VAL C 40 -6.74 -3.17 -1.40
N VAL C 41 -7.76 -3.99 -1.21
CA VAL C 41 -7.72 -5.35 -1.75
C VAL C 41 -7.75 -5.27 -3.29
N LEU C 42 -8.61 -4.40 -3.82
CA LEU C 42 -8.72 -4.19 -5.27
C LEU C 42 -7.47 -3.47 -5.80
N SER C 43 -6.77 -2.77 -4.92
CA SER C 43 -5.57 -2.02 -5.29
C SER C 43 -4.35 -2.88 -5.63
N ALA C 44 -4.35 -4.14 -5.25
CA ALA C 44 -3.22 -5.02 -5.54
C ALA C 44 -3.02 -5.12 -7.05
N GLN C 45 -1.82 -4.82 -7.52
CA GLN C 45 -1.51 -4.90 -8.96
C GLN C 45 -2.46 -4.05 -9.80
N CYS C 46 -2.76 -2.84 -9.31
CA CYS C 46 -3.67 -1.94 -10.01
C CYS C 46 -3.38 -0.51 -9.60
N THR C 47 -3.88 0.45 -10.37
CA THR C 47 -3.66 1.87 -10.07
C THR C 47 -4.81 2.47 -9.26
N ASP C 48 -4.49 3.46 -8.44
CA ASP C 48 -5.49 4.11 -7.62
C ASP C 48 -6.56 4.80 -8.44
N ALA C 49 -6.16 5.52 -9.48
CA ALA C 49 -7.13 6.23 -10.31
C ALA C 49 -8.19 5.25 -10.79
N LEU C 50 -7.73 4.06 -11.21
CA LEU C 50 -8.62 3.02 -11.69
C LEU C 50 -9.53 2.56 -10.55
N VAL C 51 -8.92 2.24 -9.40
CA VAL C 51 -9.66 1.78 -8.24
C VAL C 51 -10.64 2.84 -7.72
N ASN C 52 -10.24 4.10 -7.73
CA ASN C 52 -11.13 5.14 -7.25
C ASN C 52 -12.33 5.30 -8.18
N LYS C 53 -12.13 5.04 -9.46
CA LYS C 53 -13.20 5.16 -10.44
C LYS C 53 -14.25 4.09 -10.15
N VAL C 54 -13.79 2.85 -10.10
CA VAL C 54 -14.64 1.71 -9.84
C VAL C 54 -15.39 1.77 -8.52
N THR C 55 -14.69 2.14 -7.44
CA THR C 55 -15.35 2.20 -6.13
C THR C 55 -16.29 3.37 -6.02
N LYS C 56 -16.18 4.30 -6.96
CA LYS C 56 -17.04 5.47 -6.98
C LYS C 56 -18.47 4.96 -7.04
N ARG C 57 -18.69 3.94 -7.86
CA ARG C 57 -20.01 3.35 -7.99
C ARG C 57 -20.22 2.14 -7.10
N LEU C 58 -19.15 1.39 -6.86
CA LEU C 58 -19.21 0.19 -6.02
C LEU C 58 -19.66 0.53 -4.61
N PHE C 59 -19.06 1.56 -4.01
CA PHE C 59 -19.44 1.95 -2.66
C PHE C 59 -20.82 2.59 -2.67
N GLU C 60 -21.37 2.75 -3.87
CA GLU C 60 -22.70 3.32 -4.00
C GLU C 60 -23.69 2.18 -3.97
N LYS C 61 -23.30 1.06 -4.56
CA LYS C 61 -24.12 -0.15 -4.62
C LYS C 61 -23.99 -1.01 -3.35
N TYR C 62 -22.79 -1.03 -2.76
CA TYR C 62 -22.51 -1.82 -1.56
C TYR C 62 -22.03 -0.90 -0.43
N ARG C 63 -22.47 -1.18 0.80
CA ARG C 63 -22.09 -0.37 1.94
C ARG C 63 -21.81 -1.19 3.20
N THR C 64 -22.13 -2.48 3.14
CA THR C 64 -21.91 -3.37 4.27
C THR C 64 -21.49 -4.72 3.70
N PRO C 65 -20.90 -5.58 4.54
CA PRO C 65 -20.51 -6.89 4.02
C PRO C 65 -21.71 -7.73 3.59
N HIS C 66 -22.85 -7.55 4.25
CA HIS C 66 -24.04 -8.31 3.87
C HIS C 66 -24.43 -7.98 2.43
N ASP C 67 -24.13 -6.77 2.00
CA ASP C 67 -24.45 -6.35 0.64
C ASP C 67 -23.64 -7.12 -0.39
N TYR C 68 -22.34 -7.31 -0.14
CA TYR C 68 -21.47 -8.04 -1.07
C TYR C 68 -21.82 -9.52 -1.23
N ILE C 69 -22.09 -10.21 -0.12
CA ILE C 69 -22.44 -11.62 -0.17
C ILE C 69 -23.90 -11.84 -0.53
N ALA C 70 -24.67 -10.77 -0.65
CA ALA C 70 -26.07 -10.88 -0.99
C ALA C 70 -26.25 -11.21 -2.46
N VAL C 71 -25.45 -10.55 -3.31
CA VAL C 71 -25.53 -10.76 -4.75
C VAL C 71 -24.80 -12.02 -5.21
N PRO C 72 -25.02 -12.42 -6.47
CA PRO C 72 -24.36 -13.61 -7.03
C PRO C 72 -22.90 -13.27 -7.30
N LEU C 73 -22.00 -14.23 -7.14
CA LEU C 73 -20.59 -13.99 -7.39
C LEU C 73 -20.43 -13.35 -8.78
N GLU C 74 -21.09 -13.93 -9.77
CA GLU C 74 -21.01 -13.40 -11.12
C GLU C 74 -21.33 -11.92 -11.21
N GLU C 75 -22.30 -11.48 -10.41
CA GLU C 75 -22.70 -10.08 -10.39
C GLU C 75 -21.60 -9.18 -9.86
N LEU C 76 -21.01 -9.58 -8.73
CA LEU C 76 -19.93 -8.79 -8.15
C LEU C 76 -18.79 -8.66 -9.14
N GLU C 77 -18.38 -9.79 -9.70
CA GLU C 77 -17.29 -9.80 -10.67
C GLU C 77 -17.53 -8.74 -11.75
N GLN C 78 -18.77 -8.68 -12.23
CA GLN C 78 -19.13 -7.72 -13.25
C GLN C 78 -18.99 -6.29 -12.77
N ASP C 79 -19.33 -6.08 -11.51
CA ASP C 79 -19.25 -4.75 -10.90
C ASP C 79 -17.82 -4.19 -10.78
N ILE C 80 -16.83 -5.07 -10.75
CA ILE C 80 -15.42 -4.66 -10.64
C ILE C 80 -14.61 -5.30 -11.79
N ARG C 81 -15.27 -5.48 -12.93
CA ARG C 81 -14.64 -6.08 -14.08
C ARG C 81 -13.47 -5.35 -14.70
N SER C 82 -13.43 -4.02 -14.57
CA SER C 82 -12.33 -3.26 -15.16
C SER C 82 -11.05 -3.36 -14.35
N ILE C 83 -11.17 -3.90 -13.14
CA ILE C 83 -10.01 -4.07 -12.26
C ILE C 83 -9.27 -5.35 -12.65
N GLY C 84 -7.96 -5.25 -12.86
CA GLY C 84 -7.20 -6.43 -13.19
C GLY C 84 -7.30 -7.43 -12.06
N LEU C 85 -7.30 -8.72 -12.38
CA LEU C 85 -7.41 -9.78 -11.38
C LEU C 85 -8.76 -9.70 -10.68
N TYR C 86 -9.76 -9.20 -11.40
CA TYR C 86 -11.10 -9.03 -10.84
C TYR C 86 -11.80 -10.30 -10.37
N ARG C 87 -11.52 -11.42 -11.04
CA ARG C 87 -12.16 -12.67 -10.65
C ARG C 87 -11.72 -13.13 -9.27
N ASN C 88 -10.41 -13.21 -9.04
CA ASN C 88 -9.92 -13.62 -7.73
C ASN C 88 -10.35 -12.62 -6.67
N LYS C 89 -10.30 -11.34 -7.02
CA LYS C 89 -10.67 -10.29 -6.07
C LYS C 89 -12.13 -10.34 -5.67
N ALA C 90 -13.00 -10.47 -6.68
CA ALA C 90 -14.44 -10.53 -6.41
C ALA C 90 -14.74 -11.69 -5.45
N ARG C 91 -14.15 -12.84 -5.73
CA ARG C 91 -14.34 -14.03 -4.90
C ARG C 91 -13.80 -13.82 -3.49
N ASN C 92 -12.61 -13.24 -3.38
CA ASN C 92 -11.96 -12.98 -2.09
C ASN C 92 -12.80 -12.04 -1.25
N ILE C 93 -13.39 -11.05 -1.89
CA ILE C 93 -14.22 -10.10 -1.19
C ILE C 93 -15.42 -10.79 -0.52
N GLN C 94 -16.08 -11.69 -1.25
CA GLN C 94 -17.23 -12.37 -0.68
C GLN C 94 -16.85 -13.26 0.52
N LYS C 95 -15.74 -13.98 0.42
CA LYS C 95 -15.28 -14.84 1.50
C LYS C 95 -14.85 -13.98 2.67
N LEU C 96 -14.27 -12.83 2.35
CA LEU C 96 -13.79 -11.86 3.34
C LEU C 96 -14.96 -11.28 4.15
N CYS C 97 -15.99 -10.82 3.45
CA CYS C 97 -17.18 -10.27 4.11
C CYS C 97 -17.85 -11.34 5.00
N ALA C 98 -17.97 -12.54 4.46
CA ALA C 98 -18.56 -13.65 5.19
C ALA C 98 -17.82 -13.86 6.52
N MET C 99 -16.49 -13.78 6.46
CA MET C 99 -15.65 -13.96 7.64
C MET C 99 -15.75 -12.80 8.65
N LEU C 100 -15.94 -11.59 8.14
CA LEU C 100 -16.08 -10.42 9.00
C LEU C 100 -17.30 -10.66 9.87
N ILE C 101 -18.34 -11.18 9.23
CA ILE C 101 -19.59 -11.47 9.90
C ILE C 101 -19.42 -12.66 10.87
N ASP C 102 -18.96 -13.79 10.36
CA ASP C 102 -18.81 -14.96 11.20
C ASP C 102 -17.78 -14.79 12.32
N LYS C 103 -16.59 -14.33 11.97
CA LYS C 103 -15.50 -14.19 12.94
C LYS C 103 -15.24 -12.87 13.66
N TYR C 104 -15.55 -11.73 13.05
CA TYR C 104 -15.25 -10.44 13.69
C TYR C 104 -16.41 -9.54 14.02
N ASN C 105 -17.54 -10.14 14.40
CA ASN C 105 -18.70 -9.38 14.80
C ASN C 105 -19.08 -8.33 13.76
N GLY C 106 -18.96 -8.72 12.49
CA GLY C 106 -19.34 -7.82 11.40
C GLY C 106 -18.55 -6.54 11.26
N GLU C 107 -17.36 -6.46 11.85
CA GLU C 107 -16.55 -5.25 11.75
C GLU C 107 -15.16 -5.57 11.23
N VAL C 108 -14.47 -4.57 10.68
CA VAL C 108 -13.12 -4.75 10.19
C VAL C 108 -12.21 -4.81 11.41
N PRO C 109 -11.52 -5.94 11.61
CA PRO C 109 -10.64 -6.04 12.78
C PRO C 109 -9.52 -5.00 12.73
N ARG C 110 -9.10 -4.54 13.91
CA ARG C 110 -8.04 -3.55 14.00
C ARG C 110 -6.68 -4.19 14.19
N ASP C 111 -6.66 -5.52 14.17
CA ASP C 111 -5.41 -6.24 14.34
C ASP C 111 -4.81 -6.64 13.00
N ARG C 112 -3.53 -6.38 12.83
CA ARG C 112 -2.81 -6.68 11.61
C ARG C 112 -2.82 -8.19 11.23
N ASP C 113 -2.46 -9.04 12.17
CA ASP C 113 -2.46 -10.49 11.92
C ASP C 113 -3.85 -11.04 11.72
N GLU C 114 -4.82 -10.45 12.39
CA GLU C 114 -6.21 -10.85 12.27
C GLU C 114 -6.73 -10.49 10.87
N LEU C 115 -6.27 -9.37 10.34
CA LEU C 115 -6.68 -8.93 9.00
C LEU C 115 -6.11 -9.90 7.98
N MET C 116 -4.88 -10.35 8.22
CA MET C 116 -4.23 -11.29 7.32
C MET C 116 -4.94 -12.63 7.15
N LYS C 117 -5.86 -12.96 8.06
CA LYS C 117 -6.58 -14.24 7.91
C LYS C 117 -7.65 -14.10 6.82
N LEU C 118 -8.07 -12.87 6.57
CA LEU C 118 -9.08 -12.64 5.54
C LEU C 118 -8.56 -13.02 4.17
N PRO C 119 -9.37 -13.72 3.38
CA PRO C 119 -8.97 -14.13 2.04
C PRO C 119 -8.65 -12.86 1.25
N GLY C 120 -7.56 -12.87 0.49
CA GLY C 120 -7.20 -11.69 -0.31
C GLY C 120 -6.34 -10.67 0.42
N VAL C 121 -6.18 -10.84 1.73
CA VAL C 121 -5.37 -9.90 2.51
C VAL C 121 -4.00 -10.45 2.93
N GLY C 122 -2.95 -9.85 2.39
CA GLY C 122 -1.59 -10.24 2.76
C GLY C 122 -1.02 -9.15 3.67
N ARG C 123 0.27 -9.23 4.01
CA ARG C 123 0.87 -8.25 4.92
C ARG C 123 0.77 -6.78 4.44
N LYS C 124 1.00 -6.53 3.15
CA LYS C 124 0.91 -5.18 2.61
C LYS C 124 -0.48 -4.61 2.86
N THR C 125 -1.50 -5.35 2.47
CA THR C 125 -2.86 -4.89 2.65
C THR C 125 -3.19 -4.63 4.12
N ALA C 126 -2.90 -5.61 4.97
CA ALA C 126 -3.17 -5.43 6.40
C ALA C 126 -2.44 -4.20 6.93
N ASN C 127 -1.20 -3.98 6.49
CA ASN C 127 -0.45 -2.83 6.96
C ASN C 127 -1.07 -1.49 6.57
N VAL C 128 -1.55 -1.39 5.33
CA VAL C 128 -2.17 -0.16 4.89
C VAL C 128 -3.39 0.08 5.77
N VAL C 129 -4.24 -0.94 5.90
CA VAL C 129 -5.45 -0.81 6.68
C VAL C 129 -5.27 -0.38 8.15
N VAL C 130 -4.39 -1.04 8.89
CA VAL C 130 -4.27 -0.66 10.30
C VAL C 130 -3.68 0.73 10.43
N SER C 131 -2.79 1.07 9.50
CA SER C 131 -2.13 2.37 9.52
C SER C 131 -3.08 3.51 9.18
N VAL C 132 -3.66 3.47 7.99
CA VAL C 132 -4.58 4.51 7.53
C VAL C 132 -5.91 4.57 8.27
N ALA C 133 -6.52 3.42 8.52
CA ALA C 133 -7.82 3.40 9.19
C ALA C 133 -7.80 3.51 10.71
N PHE C 134 -6.83 2.87 11.36
CA PHE C 134 -6.79 2.88 12.83
C PHE C 134 -5.54 3.50 13.45
N GLY C 135 -4.83 4.31 12.67
CA GLY C 135 -3.63 4.96 13.18
C GLY C 135 -2.57 4.04 13.76
N VAL C 136 -2.61 2.75 13.44
CA VAL C 136 -1.61 1.84 13.96
C VAL C 136 -0.32 1.98 13.14
N PRO C 137 0.80 2.27 13.82
CA PRO C 137 2.06 2.42 13.08
C PRO C 137 2.47 1.15 12.35
N ALA C 138 2.72 1.27 11.06
CA ALA C 138 3.11 0.14 10.25
C ALA C 138 3.70 0.66 8.97
N ILE C 139 4.54 -0.14 8.33
CA ILE C 139 5.16 0.25 7.09
C ILE C 139 4.79 -0.77 6.03
N ALA C 140 3.81 -0.43 5.20
CA ALA C 140 3.38 -1.34 4.14
C ALA C 140 4.43 -1.30 3.03
N VAL C 141 4.90 -2.48 2.61
CA VAL C 141 5.89 -2.55 1.56
C VAL C 141 5.27 -3.05 0.25
N ASP C 142 5.16 -2.13 -0.70
CA ASP C 142 4.59 -2.41 -2.02
C ASP C 142 5.68 -2.28 -3.08
N THR C 143 5.26 -2.23 -4.34
CA THR C 143 6.20 -2.10 -5.44
C THR C 143 7.06 -0.85 -5.28
N HIS C 144 6.44 0.28 -4.95
CA HIS C 144 7.19 1.52 -4.79
C HIS C 144 8.19 1.49 -3.64
N VAL C 145 7.69 1.17 -2.44
CA VAL C 145 8.56 1.14 -1.27
C VAL C 145 9.77 0.24 -1.51
N GLU C 146 9.53 -0.95 -2.05
CA GLU C 146 10.62 -1.87 -2.31
C GLU C 146 11.64 -1.33 -3.32
N ARG C 147 11.14 -0.81 -4.43
CA ARG C 147 12.01 -0.26 -5.47
C ARG C 147 12.88 0.86 -4.94
N VAL C 148 12.25 1.80 -4.24
CA VAL C 148 12.97 2.94 -3.71
C VAL C 148 14.02 2.50 -2.71
N SER C 149 13.65 1.58 -1.82
CA SER C 149 14.57 1.08 -0.81
C SER C 149 15.78 0.42 -1.47
N LYS C 150 15.52 -0.37 -2.51
CA LYS C 150 16.61 -1.03 -3.20
C LYS C 150 17.43 -0.09 -4.07
N ARG C 151 16.79 0.77 -4.85
CA ARG C 151 17.56 1.70 -5.69
C ARG C 151 18.47 2.58 -4.86
N LEU C 152 17.97 3.05 -3.72
CA LEU C 152 18.73 3.93 -2.86
C LEU C 152 19.76 3.20 -2.01
N GLY C 153 19.69 1.88 -1.98
CA GLY C 153 20.62 1.12 -1.16
C GLY C 153 20.22 1.11 0.31
N PHE C 154 18.92 1.09 0.56
CA PHE C 154 18.39 1.05 1.93
C PHE C 154 18.60 -0.37 2.45
N CYS C 155 18.52 -1.32 1.53
CA CYS C 155 18.69 -2.73 1.83
C CYS C 155 19.30 -3.33 0.57
N ARG C 156 19.51 -4.65 0.58
CA ARG C 156 20.09 -5.33 -0.59
C ARG C 156 19.00 -5.63 -1.61
N TRP C 157 19.39 -5.76 -2.89
CA TRP C 157 18.44 -6.05 -3.95
C TRP C 157 17.78 -7.43 -3.79
N ASP C 158 18.44 -8.32 -3.06
CA ASP C 158 17.91 -9.66 -2.89
C ASP C 158 16.94 -9.80 -1.71
N ASP C 159 16.85 -8.78 -0.87
CA ASP C 159 15.95 -8.83 0.29
C ASP C 159 14.49 -8.99 -0.06
N SER C 160 13.76 -9.72 0.78
CA SER C 160 12.33 -9.95 0.59
C SER C 160 11.57 -8.70 1.06
N VAL C 161 10.27 -8.63 0.77
CA VAL C 161 9.49 -7.48 1.22
C VAL C 161 9.50 -7.40 2.75
N LEU C 162 9.49 -8.55 3.41
CA LEU C 162 9.50 -8.58 4.88
C LEU C 162 10.80 -7.99 5.40
N GLU C 163 11.91 -8.39 4.78
CA GLU C 163 13.24 -7.92 5.16
C GLU C 163 13.34 -6.42 5.03
N VAL C 164 12.75 -5.89 3.96
CA VAL C 164 12.74 -4.45 3.70
C VAL C 164 11.97 -3.73 4.80
N GLU C 165 10.82 -4.30 5.14
CA GLU C 165 9.95 -3.75 6.17
C GLU C 165 10.66 -3.74 7.52
N LYS C 166 11.38 -4.83 7.81
CA LYS C 166 12.10 -4.93 9.07
C LYS C 166 13.26 -3.94 9.13
N THR C 167 13.86 -3.67 7.97
CA THR C 167 14.97 -2.73 7.89
C THR C 167 14.49 -1.33 8.25
N LEU C 168 13.36 -0.94 7.67
CA LEU C 168 12.77 0.37 7.92
C LEU C 168 12.30 0.51 9.37
N MET C 169 11.63 -0.50 9.90
CA MET C 169 11.16 -0.45 11.28
C MET C 169 12.33 -0.25 12.24
N LYS C 170 13.44 -0.94 11.97
CA LYS C 170 14.63 -0.83 12.82
C LYS C 170 15.21 0.58 12.80
N ILE C 171 15.13 1.24 11.65
CA ILE C 171 15.65 2.60 11.50
C ILE C 171 14.66 3.66 11.93
N ILE C 172 13.57 3.77 11.17
CA ILE C 172 12.53 4.77 11.43
C ILE C 172 11.82 4.59 12.78
N PRO C 173 11.61 5.70 13.51
CA PRO C 173 10.95 5.65 14.81
C PRO C 173 9.47 5.32 14.64
N LYS C 174 9.01 4.30 15.36
CA LYS C 174 7.62 3.83 15.35
C LYS C 174 6.60 4.94 15.08
N GLU C 175 6.84 6.10 15.69
CA GLU C 175 5.94 7.25 15.56
C GLU C 175 5.93 7.86 14.18
N GLU C 176 6.86 7.44 13.33
CA GLU C 176 6.94 7.99 11.99
C GLU C 176 6.82 6.97 10.86
N TRP C 177 6.56 5.72 11.22
CA TRP C 177 6.43 4.65 10.23
C TRP C 177 5.37 4.95 9.18
N SER C 178 4.17 5.30 9.63
CA SER C 178 3.07 5.58 8.72
C SER C 178 3.35 6.67 7.69
N ILE C 179 3.73 7.85 8.16
CA ILE C 179 4.01 8.97 7.29
C ILE C 179 5.19 8.72 6.36
N THR C 180 6.20 8.02 6.87
CA THR C 180 7.38 7.72 6.07
C THR C 180 6.99 6.80 4.91
N HIS C 181 6.08 5.89 5.20
CA HIS C 181 5.56 4.95 4.22
C HIS C 181 4.91 5.71 3.05
N HIS C 182 4.08 6.71 3.37
CA HIS C 182 3.43 7.48 2.31
C HIS C 182 4.43 8.33 1.53
N ARG C 183 5.40 8.92 2.23
CA ARG C 183 6.42 9.72 1.59
C ARG C 183 7.20 8.86 0.60
N MET C 184 7.53 7.64 1.01
CA MET C 184 8.26 6.75 0.12
C MET C 184 7.39 6.37 -1.08
N ILE C 185 6.09 6.17 -0.85
CA ILE C 185 5.18 5.82 -1.94
C ILE C 185 5.19 6.98 -2.92
N PHE C 186 4.94 8.18 -2.43
CA PHE C 186 4.92 9.37 -3.27
C PHE C 186 6.23 9.55 -4.00
N PHE C 187 7.33 9.39 -3.25
CA PHE C 187 8.66 9.51 -3.84
C PHE C 187 8.83 8.58 -5.02
N GLY C 188 8.35 7.34 -4.87
CA GLY C 188 8.48 6.36 -5.93
C GLY C 188 7.44 6.47 -7.01
N ARG C 189 6.27 7.00 -6.68
CA ARG C 189 5.21 7.13 -7.66
C ARG C 189 5.35 8.37 -8.53
N TYR C 190 5.84 9.46 -7.94
CA TYR C 190 5.99 10.71 -8.67
C TYR C 190 7.40 11.16 -8.99
N HIS C 191 8.39 10.41 -8.52
CA HIS C 191 9.79 10.78 -8.74
C HIS C 191 10.66 9.59 -9.19
N CYS C 192 11.00 8.72 -8.24
CA CYS C 192 11.82 7.54 -8.56
C CYS C 192 10.94 6.48 -9.22
N LYS C 193 10.27 6.87 -10.30
CA LYS C 193 9.40 5.96 -11.02
C LYS C 193 10.10 4.71 -11.49
N ALA C 194 9.33 3.70 -11.89
CA ALA C 194 9.90 2.45 -12.36
C ALA C 194 10.46 2.59 -13.78
N GLN C 195 9.64 3.11 -14.68
CA GLN C 195 10.06 3.28 -16.07
C GLN C 195 11.10 4.36 -16.26
N SER C 196 10.76 5.60 -15.91
CA SER C 196 11.70 6.69 -16.06
C SER C 196 11.93 7.55 -14.82
N PRO C 197 12.91 7.20 -13.97
CA PRO C 197 13.19 7.98 -12.76
C PRO C 197 13.77 9.36 -13.07
N GLN C 198 13.36 10.36 -12.29
CA GLN C 198 13.84 11.72 -12.46
C GLN C 198 15.16 11.98 -11.74
N CYS C 199 16.14 11.12 -12.01
CA CYS C 199 17.45 11.24 -11.37
C CYS C 199 18.11 12.61 -11.57
N PRO C 200 18.26 13.05 -12.83
CA PRO C 200 18.88 14.35 -13.14
C PRO C 200 18.59 15.45 -12.14
N SER C 201 17.34 15.54 -11.69
CA SER C 201 16.99 16.58 -10.72
C SER C 201 16.63 16.03 -9.35
N CYS C 202 17.31 14.98 -8.91
CA CYS C 202 17.03 14.36 -7.63
C CYS C 202 18.01 14.75 -6.52
N PRO C 203 17.50 15.11 -5.34
CA PRO C 203 18.30 15.51 -4.18
C PRO C 203 18.98 14.33 -3.49
N LEU C 204 18.95 13.17 -4.14
CA LEU C 204 19.56 11.98 -3.55
C LEU C 204 20.62 11.34 -4.43
N LEU C 205 20.69 11.78 -5.68
CA LEU C 205 21.68 11.24 -6.62
C LEU C 205 23.10 11.28 -6.05
N HIS C 206 23.40 12.28 -5.23
CA HIS C 206 24.73 12.44 -4.64
C HIS C 206 25.11 11.32 -3.69
N LEU C 207 24.17 10.44 -3.38
CA LEU C 207 24.43 9.32 -2.50
C LEU C 207 23.65 8.09 -2.97
N CYS C 208 23.12 8.17 -4.18
CA CYS C 208 22.34 7.07 -4.74
C CYS C 208 23.09 6.22 -5.73
N ARG C 209 23.16 4.91 -5.48
CA ARG C 209 23.86 4.01 -6.36
C ARG C 209 23.18 3.80 -7.71
N GLU C 210 21.87 3.63 -7.69
CA GLU C 210 21.10 3.43 -8.92
C GLU C 210 21.08 4.73 -9.74
N GLY C 211 21.04 5.85 -9.03
CA GLY C 211 21.02 7.15 -9.69
C GLY C 211 22.32 7.51 -10.38
N LYS C 212 23.46 7.17 -9.78
CA LYS C 212 24.75 7.47 -10.39
C LYS C 212 24.98 6.58 -11.60
N LYS C 213 24.54 5.32 -11.50
CA LYS C 213 24.69 4.37 -12.60
C LYS C 213 23.75 4.79 -13.72
N ARG C 214 22.63 5.39 -13.33
CA ARG C 214 21.64 5.84 -14.31
C ARG C 214 22.19 6.98 -15.14
N MET C 215 22.86 7.92 -14.48
CA MET C 215 23.45 9.06 -15.16
C MET C 215 24.63 8.59 -16.01
N ARG C 216 25.61 7.97 -15.36
CA ARG C 216 26.80 7.46 -16.06
C ARG C 216 26.42 6.30 -16.97
NA NA D . -5.16 -13.55 3.96
FE1 SF4 E . 16.81 9.75 -7.19
FE2 SF4 E . 15.49 7.29 -7.71
FE3 SF4 E . 17.35 8.39 -9.49
FE4 SF4 E . 18.14 7.33 -7.10
S1 SF4 E . 17.15 6.18 -8.96
S2 SF4 E . 18.78 9.15 -8.05
S3 SF4 E . 16.36 7.87 -5.80
S4 SF4 E . 15.40 9.26 -8.94
#